data_7BVW
#
_entry.id   7BVW
#
_cell.length_a   74.431
_cell.length_b   23.648
_cell.length_c   75.699
_cell.angle_alpha   90.000
_cell.angle_beta   94.800
_cell.angle_gamma   90.000
#
_symmetry.space_group_name_H-M   'C 1 2 1'
#
loop_
_entity.id
_entity.type
_entity.pdbx_description
1 polymer 'AT5G66160 protein'
2 non-polymer 'ZINC ION'
3 non-polymer 'SODIUM ION'
4 water water
#
_entity_poly.entity_id   1
_entity_poly.type   'polypeptide(L)'
_entity_poly.pdbx_seq_one_letter_code
;GPGSRLDAKLVHTLPCFTFTDSAHHKAGETCAICLEDYRFGESLRLLPCQHAFHLNCIDSWLTKWGTSCPVCKHDIRTET
MS
;
_entity_poly.pdbx_strand_id   A,B
#
# COMPACT_ATOMS: atom_id res chain seq x y z
N SER A 4 -5.73 1.59 14.19
CA SER A 4 -6.34 0.40 13.61
C SER A 4 -5.31 -0.45 12.89
N ARG A 5 -4.96 -1.58 13.51
CA ARG A 5 -4.02 -2.52 12.92
C ARG A 5 -4.36 -3.92 13.43
N LEU A 6 -3.83 -4.93 12.75
CA LEU A 6 -4.11 -6.32 13.06
C LEU A 6 -2.88 -6.97 13.71
N ASP A 7 -3.15 -7.89 14.64
CA ASP A 7 -2.07 -8.63 15.27
C ASP A 7 -1.32 -9.46 14.23
N ALA A 8 0.01 -9.35 14.26
CA ALA A 8 0.84 -10.00 13.25
C ALA A 8 0.67 -11.52 13.27
N LYS A 9 0.48 -12.09 14.47
CA LYS A 9 0.28 -13.53 14.57
C LYS A 9 -0.98 -13.96 13.83
N LEU A 10 -1.98 -13.08 13.73
CA LEU A 10 -3.18 -13.39 12.96
C LEU A 10 -2.93 -13.21 11.47
N VAL A 11 -2.26 -12.12 11.09
CA VAL A 11 -1.99 -11.85 9.68
C VAL A 11 -1.18 -12.97 9.06
N HIS A 12 -0.28 -13.58 9.83
CA HIS A 12 0.61 -14.62 9.33
C HIS A 12 -0.10 -15.95 9.08
N THR A 13 -1.38 -16.07 9.44
CA THR A 13 -2.13 -17.28 9.11
C THR A 13 -2.90 -17.16 7.82
N LEU A 14 -2.94 -15.97 7.21
CA LEU A 14 -3.61 -15.79 5.93
C LEU A 14 -2.99 -16.69 4.87
N PRO A 15 -3.78 -17.15 3.90
CA PRO A 15 -3.23 -18.03 2.86
C PRO A 15 -2.14 -17.35 2.06
N CYS A 16 -1.10 -18.11 1.75
CA CYS A 16 0.02 -17.62 0.96
C CYS A 16 0.40 -18.66 -0.09
N PHE A 17 0.96 -18.18 -1.19
CA PHE A 17 1.32 -19.04 -2.31
C PHE A 17 2.45 -18.39 -3.10
N THR A 18 3.06 -19.18 -3.98
CA THR A 18 4.17 -18.73 -4.80
C THR A 18 3.67 -18.39 -6.21
N PHE A 19 4.20 -17.29 -6.76
CA PHE A 19 3.81 -16.85 -8.10
C PHE A 19 4.47 -17.75 -9.13
N THR A 20 3.71 -18.73 -9.63
CA THR A 20 4.16 -19.65 -10.67
C THR A 20 3.18 -19.62 -11.83
N ASP A 21 3.38 -20.53 -12.79
CA ASP A 21 2.49 -20.61 -13.94
C ASP A 21 1.05 -20.85 -13.51
N SER A 22 0.85 -21.65 -12.46
CA SER A 22 -0.50 -21.94 -11.99
C SER A 22 -1.16 -20.70 -11.39
N ALA A 23 -0.45 -20.02 -10.49
CA ALA A 23 -1.02 -18.84 -9.85
C ALA A 23 -1.04 -17.62 -10.77
N HIS A 24 -0.32 -17.68 -11.89
CA HIS A 24 -0.09 -16.50 -12.73
C HIS A 24 -1.37 -15.73 -13.02
N HIS A 25 -2.35 -16.40 -13.62
CA HIS A 25 -3.56 -15.74 -14.11
C HIS A 25 -4.71 -15.79 -13.13
N LYS A 26 -4.48 -16.26 -11.89
CA LYS A 26 -5.42 -16.08 -10.80
C LYS A 26 -5.08 -14.85 -9.97
N ALA A 27 -3.79 -14.65 -9.68
CA ALA A 27 -3.36 -13.57 -8.81
C ALA A 27 -3.32 -12.23 -9.53
N GLY A 28 -3.12 -12.23 -10.85
CA GLY A 28 -2.95 -11.00 -11.59
C GLY A 28 -1.47 -10.74 -11.88
N GLU A 29 -1.22 -9.53 -12.37
CA GLU A 29 0.09 -9.17 -12.89
C GLU A 29 0.91 -8.30 -11.95
N THR A 30 0.28 -7.49 -11.11
CA THR A 30 0.99 -6.45 -10.39
C THR A 30 0.48 -6.35 -8.96
N CYS A 31 1.40 -6.09 -8.03
CA CYS A 31 1.05 -5.80 -6.65
C CYS A 31 0.64 -4.34 -6.52
N ALA A 32 -0.58 -4.08 -6.04
CA ALA A 32 -1.08 -2.71 -5.94
C ALA A 32 -0.37 -1.91 -4.85
N ILE A 33 0.28 -2.58 -3.91
CA ILE A 33 0.90 -1.87 -2.78
C ILE A 33 2.24 -1.26 -3.17
N CYS A 34 3.02 -1.96 -3.99
CA CYS A 34 4.33 -1.47 -4.41
C CYS A 34 4.42 -1.16 -5.89
N LEU A 35 3.40 -1.52 -6.67
CA LEU A 35 3.27 -1.24 -8.11
C LEU A 35 4.25 -2.05 -8.96
N GLU A 36 4.98 -3.00 -8.37
CA GLU A 36 5.89 -3.84 -9.13
C GLU A 36 5.16 -5.05 -9.68
N ASP A 37 5.49 -5.42 -10.91
CA ASP A 37 4.93 -6.64 -11.49
C ASP A 37 5.48 -7.87 -10.78
N TYR A 38 4.60 -8.84 -10.53
CA TYR A 38 5.03 -10.08 -9.88
C TYR A 38 6.08 -10.78 -10.74
N ARG A 39 7.08 -11.34 -10.07
CA ARG A 39 8.12 -12.13 -10.71
C ARG A 39 7.98 -13.59 -10.31
N PHE A 40 8.43 -14.48 -11.20
CA PHE A 40 8.32 -15.91 -10.95
C PHE A 40 9.04 -16.29 -9.66
N GLY A 41 8.34 -17.02 -8.80
CA GLY A 41 8.91 -17.49 -7.55
C GLY A 41 8.64 -16.59 -6.35
N GLU A 42 8.04 -15.42 -6.55
CA GLU A 42 7.75 -14.54 -5.42
C GLU A 42 6.65 -15.12 -4.55
N SER A 43 6.62 -14.67 -3.29
CA SER A 43 5.64 -15.10 -2.32
C SER A 43 4.50 -14.10 -2.25
N LEU A 44 3.28 -14.59 -2.37
CA LEU A 44 2.09 -13.76 -2.35
C LEU A 44 1.16 -14.19 -1.23
N ARG A 45 0.24 -13.30 -0.86
CA ARG A 45 -0.81 -13.61 0.10
C ARG A 45 -2.16 -13.26 -0.52
N LEU A 46 -3.20 -13.95 -0.06
CA LEU A 46 -4.56 -13.74 -0.53
C LEU A 46 -5.43 -13.26 0.62
N LEU A 47 -6.21 -12.22 0.35
CA LEU A 47 -7.21 -11.70 1.27
C LEU A 47 -8.58 -12.27 0.95
N PRO A 48 -9.49 -12.33 1.92
CA PRO A 48 -10.80 -12.95 1.66
C PRO A 48 -11.62 -12.24 0.59
N CYS A 49 -11.33 -10.97 0.30
CA CYS A 49 -12.03 -10.24 -0.74
C CYS A 49 -11.54 -10.61 -2.14
N GLN A 50 -10.61 -11.56 -2.25
CA GLN A 50 -10.08 -12.13 -3.50
C GLN A 50 -9.02 -11.26 -4.15
N HIS A 51 -8.38 -10.36 -3.41
CA HIS A 51 -7.25 -9.60 -3.91
C HIS A 51 -5.96 -10.14 -3.32
N ALA A 52 -4.93 -10.28 -4.17
CA ALA A 52 -3.65 -10.82 -3.76
C ALA A 52 -2.57 -9.76 -3.83
N PHE A 53 -1.53 -9.95 -3.01
CA PHE A 53 -0.44 -9.00 -2.94
C PHE A 53 0.85 -9.75 -2.67
N HIS A 54 1.98 -9.05 -2.83
CA HIS A 54 3.22 -9.51 -2.26
C HIS A 54 3.01 -9.78 -0.77
N LEU A 55 3.51 -10.92 -0.30
CA LEU A 55 3.34 -11.28 1.11
C LEU A 55 3.89 -10.21 2.03
N ASN A 56 5.12 -9.73 1.74
CA ASN A 56 5.73 -8.71 2.59
C ASN A 56 4.96 -7.39 2.51
N CYS A 57 4.37 -7.08 1.35
CA CYS A 57 3.68 -5.81 1.20
C CYS A 57 2.39 -5.77 2.01
N ILE A 58 1.55 -6.81 1.90
CA ILE A 58 0.28 -6.80 2.59
C ILE A 58 0.48 -7.02 4.09
N ASP A 59 1.49 -7.79 4.48
CA ASP A 59 1.80 -7.96 5.91
C ASP A 59 2.13 -6.60 6.53
N SER A 60 2.94 -5.80 5.85
CA SER A 60 3.27 -4.48 6.35
C SER A 60 2.03 -3.61 6.47
N TRP A 61 1.16 -3.66 5.46
CA TRP A 61 -0.03 -2.81 5.46
C TRP A 61 -0.97 -3.17 6.61
N LEU A 62 -1.21 -4.47 6.81
CA LEU A 62 -2.21 -4.90 7.78
C LEU A 62 -1.71 -4.79 9.22
N THR A 63 -0.40 -4.87 9.45
CA THR A 63 0.12 -4.82 10.81
C THR A 63 0.49 -3.41 11.26
N LYS A 64 0.76 -2.51 10.33
CA LYS A 64 1.25 -1.18 10.66
C LYS A 64 0.32 -0.05 10.26
N TRP A 65 -0.45 -0.19 9.18
CA TRP A 65 -1.15 0.95 8.60
C TRP A 65 -2.66 0.82 8.60
N GLY A 66 -3.22 -0.35 8.30
CA GLY A 66 -4.66 -0.46 8.18
C GLY A 66 -5.19 -1.81 8.62
N THR A 67 -6.52 -1.92 8.59
CA THR A 67 -7.25 -3.12 8.97
C THR A 67 -8.19 -3.57 7.86
N SER A 68 -7.90 -3.17 6.62
CA SER A 68 -8.75 -3.49 5.50
C SER A 68 -7.90 -3.72 4.26
N CYS A 69 -8.52 -4.25 3.22
CA CYS A 69 -7.83 -4.43 1.95
C CYS A 69 -7.50 -3.07 1.34
N PRO A 70 -6.23 -2.81 0.96
CA PRO A 70 -5.89 -1.50 0.39
C PRO A 70 -6.44 -1.25 -1.01
N VAL A 71 -7.12 -2.22 -1.61
CA VAL A 71 -7.69 -2.04 -2.95
C VAL A 71 -9.18 -1.75 -2.86
N CYS A 72 -9.93 -2.63 -2.20
CA CYS A 72 -11.37 -2.52 -2.12
C CYS A 72 -11.88 -2.13 -0.74
N LYS A 73 -10.99 -1.95 0.23
CA LYS A 73 -11.32 -1.48 1.58
C LYS A 73 -12.24 -2.43 2.33
N HIS A 74 -12.25 -3.70 1.94
CA HIS A 74 -12.98 -4.72 2.71
C HIS A 74 -12.37 -4.84 4.10
N ASP A 75 -13.18 -4.57 5.12
CA ASP A 75 -12.68 -4.50 6.49
C ASP A 75 -12.52 -5.90 7.08
N ILE A 76 -11.41 -6.09 7.79
CA ILE A 76 -11.10 -7.36 8.44
C ILE A 76 -11.29 -7.17 9.94
N ARG A 77 -12.10 -8.03 10.54
CA ARG A 77 -12.31 -8.06 11.99
C ARG A 77 -12.84 -6.72 12.51
N THR A 78 -14.02 -6.34 12.01
CA THR A 78 -14.72 -5.21 12.58
C THR A 78 -15.23 -5.54 13.98
N GLU A 79 -15.86 -6.70 14.14
CA GLU A 79 -16.27 -7.22 15.43
C GLU A 79 -15.54 -8.53 15.69
N THR A 80 -15.27 -8.80 16.97
CA THR A 80 -14.48 -9.97 17.36
C THR A 80 -15.23 -10.78 18.40
N MET A 81 -14.72 -11.98 18.64
CA MET A 81 -15.26 -12.92 19.64
C MET A 81 -16.70 -13.33 19.34
N SER A 82 -17.07 -13.30 18.07
CA SER A 82 -18.39 -13.73 17.65
N SER B 4 11.69 10.07 -15.91
CA SER B 4 10.44 9.59 -16.50
C SER B 4 9.28 9.77 -15.53
N ARG B 5 8.15 9.13 -15.83
CA ARG B 5 6.96 9.24 -15.00
C ARG B 5 6.23 7.90 -14.97
N LEU B 6 5.33 7.77 -14.02
CA LEU B 6 4.52 6.57 -13.85
C LEU B 6 3.12 6.80 -14.42
N ASP B 7 2.50 5.71 -14.88
CA ASP B 7 1.15 5.79 -15.41
C ASP B 7 0.16 6.11 -14.28
N ALA B 8 -0.81 6.97 -14.59
CA ALA B 8 -1.78 7.39 -13.57
C ALA B 8 -2.63 6.23 -13.10
N LYS B 9 -2.91 5.25 -13.97
CA LYS B 9 -3.68 4.08 -13.58
C LYS B 9 -2.97 3.31 -12.46
N LEU B 10 -1.64 3.19 -12.56
CA LEU B 10 -0.88 2.49 -11.52
C LEU B 10 -0.83 3.32 -10.23
N VAL B 11 -0.54 4.61 -10.36
CA VAL B 11 -0.38 5.47 -9.18
C VAL B 11 -1.66 5.48 -8.35
N HIS B 12 -2.82 5.45 -9.01
CA HIS B 12 -4.09 5.52 -8.30
C HIS B 12 -4.40 4.25 -7.52
N THR B 13 -3.71 3.14 -7.80
CA THR B 13 -3.92 1.90 -7.06
C THR B 13 -3.13 1.85 -5.76
N LEU B 14 -2.17 2.76 -5.58
CA LEU B 14 -1.38 2.84 -4.35
C LEU B 14 -2.30 2.99 -3.15
N PRO B 15 -1.93 2.44 -1.99
CA PRO B 15 -2.81 2.53 -0.82
C PRO B 15 -2.99 3.97 -0.36
N CYS B 16 -4.20 4.28 0.08
CA CYS B 16 -4.53 5.57 0.65
C CYS B 16 -5.13 5.38 2.03
N PHE B 17 -5.17 6.48 2.79
CA PHE B 17 -5.78 6.49 4.11
C PHE B 17 -6.09 7.93 4.47
N THR B 18 -6.83 8.10 5.57
CA THR B 18 -7.28 9.40 6.03
C THR B 18 -6.48 9.79 7.26
N PHE B 19 -5.99 11.04 7.30
CA PHE B 19 -5.16 11.48 8.41
C PHE B 19 -6.02 11.76 9.64
N THR B 20 -5.62 11.16 10.77
CA THR B 20 -6.18 11.50 12.07
C THR B 20 -5.04 11.72 13.06
N ASP B 21 -5.35 11.74 14.36
CA ASP B 21 -4.29 11.91 15.35
C ASP B 21 -3.41 10.66 15.45
N SER B 22 -3.96 9.48 15.13
CA SER B 22 -3.20 8.24 15.23
C SER B 22 -2.18 8.07 14.11
N ALA B 23 -2.15 8.96 13.13
CA ALA B 23 -1.22 8.87 12.02
C ALA B 23 0.10 9.57 12.28
N HIS B 24 0.23 10.27 13.42
CA HIS B 24 1.44 11.05 13.68
C HIS B 24 2.67 10.16 13.81
N HIS B 25 2.52 8.95 14.34
CA HIS B 25 3.67 8.08 14.55
C HIS B 25 4.28 7.62 13.24
N LYS B 26 3.43 7.25 12.27
CA LYS B 26 3.91 6.66 11.02
C LYS B 26 4.07 7.70 9.91
N ALA B 27 3.10 8.59 9.76
CA ALA B 27 3.14 9.59 8.70
C ALA B 27 3.85 10.87 9.10
N GLY B 28 4.09 11.08 10.39
CA GLY B 28 4.67 12.34 10.79
C GLY B 28 3.61 13.44 10.78
N GLU B 29 4.10 14.68 10.72
CA GLU B 29 3.24 15.84 10.80
C GLU B 29 3.09 16.60 9.48
N THR B 30 4.01 16.42 8.54
CA THR B 30 4.12 17.33 7.40
C THR B 30 4.34 16.55 6.11
N CYS B 31 3.77 17.07 5.03
CA CYS B 31 3.99 16.53 3.69
C CYS B 31 5.26 17.13 3.12
N ALA B 32 6.21 16.28 2.72
CA ALA B 32 7.51 16.77 2.27
C ALA B 32 7.40 17.50 0.93
N ILE B 33 6.37 17.22 0.15
CA ILE B 33 6.26 17.79 -1.19
C ILE B 33 5.77 19.23 -1.14
N CYS B 34 4.83 19.53 -0.23
CA CYS B 34 4.27 20.87 -0.13
C CYS B 34 4.58 21.57 1.19
N LEU B 35 5.18 20.89 2.15
CA LEU B 35 5.61 21.44 3.44
C LEU B 35 4.47 21.85 4.34
N GLU B 36 3.22 21.55 3.98
CA GLU B 36 2.08 21.86 4.82
C GLU B 36 1.85 20.73 5.83
N ASP B 37 1.41 21.11 7.03
CA ASP B 37 1.07 20.11 8.03
C ASP B 37 -0.22 19.39 7.64
N TYR B 38 -0.28 18.09 7.94
CA TYR B 38 -1.49 17.35 7.64
C TYR B 38 -2.64 17.84 8.51
N ARG B 39 -3.82 17.95 7.89
CA ARG B 39 -5.04 18.35 8.57
C ARG B 39 -5.94 17.14 8.77
N PHE B 40 -6.72 17.17 9.85
CA PHE B 40 -7.67 16.11 10.13
C PHE B 40 -8.61 15.91 8.96
N GLY B 41 -8.72 14.66 8.49
CA GLY B 41 -9.59 14.31 7.40
C GLY B 41 -8.95 14.31 6.02
N GLU B 42 -7.71 14.80 5.90
CA GLU B 42 -7.05 14.82 4.60
C GLU B 42 -6.75 13.41 4.12
N SER B 43 -6.74 13.25 2.80
CA SER B 43 -6.44 11.97 2.18
C SER B 43 -4.95 11.88 1.88
N LEU B 44 -4.31 10.81 2.35
CA LEU B 44 -2.89 10.59 2.15
C LEU B 44 -2.67 9.34 1.32
N ARG B 45 -1.52 9.29 0.64
CA ARG B 45 -1.11 8.17 -0.18
C ARG B 45 0.21 7.61 0.35
N LEU B 46 0.35 6.29 0.33
CA LEU B 46 1.48 5.61 0.95
C LEU B 46 2.30 4.87 -0.11
N LEU B 47 3.61 5.14 -0.12
CA LEU B 47 4.57 4.50 -1.00
C LEU B 47 5.16 3.26 -0.34
N PRO B 48 5.63 2.29 -1.12
CA PRO B 48 6.17 1.05 -0.52
C PRO B 48 7.37 1.27 0.39
N CYS B 49 8.07 2.40 0.25
CA CYS B 49 9.19 2.73 1.13
C CYS B 49 8.73 3.25 2.48
N GLN B 50 7.41 3.25 2.75
CA GLN B 50 6.79 3.64 4.01
C GLN B 50 6.78 5.14 4.24
N HIS B 51 6.87 5.95 3.19
CA HIS B 51 6.73 7.40 3.29
C HIS B 51 5.38 7.81 2.71
N ALA B 52 4.65 8.63 3.45
CA ALA B 52 3.32 9.07 3.04
C ALA B 52 3.36 10.54 2.64
N PHE B 53 2.40 10.91 1.78
CA PHE B 53 2.27 12.27 1.29
C PHE B 53 0.79 12.56 1.09
N HIS B 54 0.48 13.83 0.91
CA HIS B 54 -0.85 14.20 0.41
C HIS B 54 -1.12 13.46 -0.89
N LEU B 55 -2.34 12.96 -1.04
CA LEU B 55 -2.69 12.21 -2.24
C LEU B 55 -2.46 13.06 -3.49
N ASN B 56 -2.90 14.31 -3.46
CA ASN B 56 -2.69 15.21 -4.59
C ASN B 56 -1.20 15.40 -4.87
N CYS B 57 -0.39 15.50 -3.81
CA CYS B 57 1.00 15.89 -3.99
C CYS B 57 1.82 14.77 -4.63
N ILE B 58 1.74 13.56 -4.08
CA ILE B 58 2.53 12.45 -4.62
C ILE B 58 1.98 11.98 -5.96
N ASP B 59 0.67 12.14 -6.19
CA ASP B 59 0.11 11.82 -7.49
C ASP B 59 0.70 12.72 -8.58
N SER B 60 0.86 14.01 -8.27
CA SER B 60 1.44 14.92 -9.25
C SER B 60 2.91 14.63 -9.49
N TRP B 61 3.65 14.29 -8.41
CA TRP B 61 5.07 14.00 -8.55
C TRP B 61 5.31 12.77 -9.41
N LEU B 62 4.52 11.71 -9.18
CA LEU B 62 4.77 10.45 -9.86
C LEU B 62 4.25 10.45 -11.29
N THR B 63 3.18 11.20 -11.58
CA THR B 63 2.61 11.19 -12.91
C THR B 63 3.21 12.26 -13.83
N LYS B 64 3.92 13.25 -13.28
CA LYS B 64 4.45 14.34 -14.07
C LYS B 64 5.94 14.57 -13.94
N TRP B 65 6.57 14.14 -12.83
CA TRP B 65 7.95 14.54 -12.56
C TRP B 65 8.90 13.37 -12.43
N GLY B 66 8.61 12.39 -11.58
CA GLY B 66 9.57 11.31 -11.37
C GLY B 66 8.91 10.01 -10.99
N THR B 67 9.71 8.95 -11.01
CA THR B 67 9.26 7.60 -10.66
C THR B 67 9.85 7.12 -9.35
N SER B 68 10.18 8.04 -8.45
CA SER B 68 10.83 7.69 -7.19
C SER B 68 10.22 8.50 -6.06
N CYS B 69 10.46 8.03 -4.84
CA CYS B 69 10.01 8.75 -3.65
C CYS B 69 10.82 10.02 -3.49
N PRO B 70 10.20 11.18 -3.31
CA PRO B 70 10.96 12.43 -3.16
C PRO B 70 11.75 12.50 -1.86
N VAL B 71 11.54 11.57 -0.92
CA VAL B 71 12.18 11.62 0.38
C VAL B 71 13.44 10.75 0.39
N CYS B 72 13.29 9.48 0.05
CA CYS B 72 14.38 8.51 0.19
C CYS B 72 14.93 8.02 -1.14
N LYS B 73 14.41 8.49 -2.27
CA LYS B 73 14.91 8.19 -3.61
C LYS B 73 14.66 6.74 -4.04
N HIS B 74 13.73 6.05 -3.39
CA HIS B 74 13.41 4.68 -3.80
C HIS B 74 12.70 4.69 -5.15
N ASP B 75 13.26 3.96 -6.11
CA ASP B 75 12.73 3.93 -7.47
C ASP B 75 11.58 2.93 -7.57
N ILE B 76 10.50 3.35 -8.21
CA ILE B 76 9.33 2.50 -8.44
C ILE B 76 9.36 2.02 -9.88
N ARG B 77 9.30 0.70 -10.06
CA ARG B 77 9.25 0.07 -11.39
C ARG B 77 10.48 0.38 -12.23
N THR B 78 11.64 0.00 -11.73
CA THR B 78 12.89 0.17 -12.47
C THR B 78 13.08 -0.96 -13.47
#